data_7QBK
#
_entry.id   7QBK
#
_cell.length_a   128.029
_cell.length_b   128.029
_cell.length_c   41.894
_cell.angle_alpha   90.000
_cell.angle_beta   90.000
_cell.angle_gamma   120.000
#
_symmetry.space_group_name_H-M   'P 64'
#
loop_
_entity.id
_entity.type
_entity.pdbx_description
1 polymer 'R2-like ligand-binding oxidase (homolog II) from Sulfolobus acidocaldarius'
2 non-polymer 'MANGANESE (III) ION'
3 non-polymer 'FE (III) ION'
4 water water
#
_entity_poly.entity_id   1
_entity_poly.type   'polypeptide(L)'
_entity_poly.pdbx_seq_one_letter_code
;MAHHHHHHVDDDDKMVLNFEEYKHTYFKSIKKGGIDWSLFPMKLYQLGKKLFWDPSTIDLTQDRADWDKLRDIDKFLMVN
VTSKFGAGEEAVALDLHPLIVTLVKEGRVEEVMYLEQFIFEEAKHVEAFRRFLDAVGVKEDLVELTKDVSPNYAKIFYEE
LPKAMWNLNRDPSPENQVRAAVTYNLVVEGVAAEGGYNIFKYITRTFNIFPGLAKMVNYIATDESRHIAFGTYLIARLIK
EGGESVYKAAMEHINYLGPYAVGIFSEPNVPQGVEIPLKLNPEVTVEYAKKLLNVRIQAIQRAKELKLEMLTPKDLDVIE
SL
;
_entity_poly.pdbx_strand_id   A
#
# COMPACT_ATOMS: atom_id res chain seq x y z
N GLY A 34 -3.28 -0.12 -30.94
CA GLY A 34 -2.77 -1.48 -30.80
C GLY A 34 -2.76 -1.96 -29.37
N ILE A 35 -3.88 -1.79 -28.67
CA ILE A 35 -4.01 -2.18 -27.28
C ILE A 35 -4.59 -3.58 -27.19
N ASP A 36 -4.00 -4.42 -26.35
CA ASP A 36 -4.55 -5.74 -26.05
C ASP A 36 -5.43 -5.60 -24.81
N TRP A 37 -6.74 -5.56 -25.02
CA TRP A 37 -7.67 -5.41 -23.91
C TRP A 37 -7.87 -6.69 -23.12
N SER A 38 -7.44 -7.84 -23.65
CA SER A 38 -7.55 -9.10 -22.93
C SER A 38 -6.39 -9.32 -21.96
N LEU A 39 -5.39 -8.43 -21.95
CA LEU A 39 -4.27 -8.58 -21.03
C LEU A 39 -4.72 -8.27 -19.61
N PHE A 40 -4.04 -8.91 -18.65
CA PHE A 40 -4.45 -8.76 -17.26
C PHE A 40 -4.38 -7.31 -16.74
N PRO A 41 -3.37 -6.50 -17.08
CA PRO A 41 -3.41 -5.09 -16.63
C PRO A 41 -4.64 -4.34 -17.10
N MET A 42 -5.10 -4.61 -18.33
CA MET A 42 -6.27 -3.91 -18.84
C MET A 42 -7.56 -4.38 -18.14
N LYS A 43 -7.58 -5.61 -17.67
CA LYS A 43 -8.70 -6.08 -16.86
C LYS A 43 -8.81 -5.28 -15.56
N LEU A 44 -7.70 -5.14 -14.84
CA LEU A 44 -7.70 -4.30 -13.65
C LEU A 44 -7.98 -2.84 -13.99
N TYR A 45 -7.51 -2.40 -15.17
CA TYR A 45 -7.72 -1.01 -15.60
C TYR A 45 -9.20 -0.69 -15.73
N GLN A 46 -9.95 -1.56 -16.43
CA GLN A 46 -11.38 -1.36 -16.55
C GLN A 46 -12.09 -1.55 -15.22
N LEU A 47 -11.53 -2.38 -14.34
CA LEU A 47 -12.08 -2.52 -12.99
C LEU A 47 -11.93 -1.23 -12.21
N GLY A 48 -10.75 -0.60 -12.29
CA GLY A 48 -10.55 0.67 -11.60
C GLY A 48 -11.49 1.76 -12.07
N LYS A 49 -11.92 1.69 -13.33
CA LYS A 49 -12.89 2.65 -13.84
C LYS A 49 -14.29 2.34 -13.35
N LYS A 50 -14.68 1.06 -13.31
CA LYS A 50 -15.98 0.70 -12.76
C LYS A 50 -16.08 1.10 -11.30
N LEU A 51 -15.08 0.72 -10.51
CA LEU A 51 -15.08 0.98 -9.06
C LEU A 51 -14.42 2.31 -8.71
N PHE A 52 -14.78 3.36 -9.45
CA PHE A 52 -14.19 4.68 -9.24
C PHE A 52 -14.93 5.42 -8.12
N TRP A 53 -14.17 6.18 -7.34
CA TRP A 53 -14.73 6.97 -6.26
C TRP A 53 -13.92 8.23 -6.08
N ASP A 54 -14.50 9.22 -5.40
CA ASP A 54 -13.80 10.47 -5.12
C ASP A 54 -14.01 10.84 -3.65
N PRO A 55 -12.94 11.16 -2.92
CA PRO A 55 -13.08 11.45 -1.48
C PRO A 55 -13.75 12.79 -1.18
N SER A 56 -13.94 13.66 -2.18
CA SER A 56 -14.61 14.92 -1.91
C SER A 56 -16.11 14.75 -1.71
N THR A 57 -16.67 13.61 -2.12
CA THR A 57 -18.08 13.32 -1.94
C THR A 57 -18.37 12.64 -0.61
N ILE A 58 -17.41 12.57 0.29
CA ILE A 58 -17.56 11.88 1.56
C ILE A 58 -17.67 12.92 2.66
N ASP A 59 -18.76 12.85 3.43
CA ASP A 59 -19.03 13.81 4.49
C ASP A 59 -18.18 13.50 5.71
N LEU A 60 -17.48 14.50 6.22
CA LEU A 60 -16.64 14.38 7.40
C LEU A 60 -17.17 15.18 8.57
N THR A 61 -18.45 15.58 8.52
CA THR A 61 -19.01 16.38 9.60
C THR A 61 -19.03 15.61 10.91
N GLN A 62 -19.50 14.36 10.88
CA GLN A 62 -19.49 13.54 12.08
C GLN A 62 -18.07 13.24 12.54
N ASP A 63 -17.13 13.07 11.61
CA ASP A 63 -15.74 12.81 11.98
C ASP A 63 -15.16 13.95 12.79
N ARG A 64 -15.46 15.20 12.40
CA ARG A 64 -15.01 16.35 13.18
C ARG A 64 -15.59 16.31 14.59
N ALA A 65 -16.88 15.96 14.70
CA ALA A 65 -17.49 15.82 16.02
C ALA A 65 -16.87 14.67 16.81
N ASP A 66 -16.53 13.57 16.13
CA ASP A 66 -15.93 12.43 16.81
C ASP A 66 -14.52 12.72 17.30
N TRP A 67 -13.85 13.74 16.74
CA TRP A 67 -12.51 14.09 17.18
C TRP A 67 -12.49 14.50 18.64
N ASP A 68 -13.56 15.12 19.13
CA ASP A 68 -13.64 15.52 20.53
C ASP A 68 -13.81 14.32 21.46
N LYS A 69 -14.22 13.17 20.93
CA LYS A 69 -14.38 11.97 21.75
C LYS A 69 -13.05 11.31 22.10
N LEU A 70 -11.97 11.71 21.45
CA LEU A 70 -10.67 11.07 21.61
C LEU A 70 -9.85 11.81 22.66
N ARG A 71 -9.22 11.05 23.55
CA ARG A 71 -8.27 11.64 24.48
C ARG A 71 -7.01 12.08 23.74
N ASP A 72 -6.14 12.80 24.45
CA ASP A 72 -4.89 13.26 23.85
C ASP A 72 -4.05 12.09 23.35
N ILE A 73 -3.97 11.01 24.13
CA ILE A 73 -3.17 9.86 23.70
C ILE A 73 -3.86 9.15 22.53
N ASP A 74 -5.18 9.27 22.42
CA ASP A 74 -5.87 8.70 21.26
C ASP A 74 -5.66 9.56 20.02
N LYS A 75 -5.73 10.89 20.16
CA LYS A 75 -5.47 11.77 19.03
C LYS A 75 -4.05 11.58 18.51
N PHE A 76 -3.08 11.36 19.40
CA PHE A 76 -1.70 11.16 18.96
C PHE A 76 -1.58 9.89 18.12
N LEU A 77 -2.19 8.81 18.58
CA LEU A 77 -2.20 7.57 17.80
C LEU A 77 -2.86 7.79 16.45
N MET A 78 -3.96 8.54 16.43
CA MET A 78 -4.66 8.82 15.18
C MET A 78 -3.78 9.62 14.23
N VAL A 79 -3.14 10.68 14.72
CA VAL A 79 -2.28 11.48 13.85
C VAL A 79 -1.06 10.66 13.42
N ASN A 80 -0.53 9.84 14.33
CA ASN A 80 0.58 8.96 14.00
C ASN A 80 0.31 8.16 12.73
N VAL A 81 -0.81 7.41 12.72
CA VAL A 81 -1.08 6.50 11.60
C VAL A 81 -1.49 7.28 10.35
N THR A 82 -2.38 8.27 10.50
CA THR A 82 -2.90 8.98 9.33
C THR A 82 -1.80 9.75 8.61
N SER A 83 -0.87 10.34 9.37
CA SER A 83 0.24 11.08 8.74
C SER A 83 1.21 10.11 8.06
N LYS A 84 1.44 8.95 8.66
CA LYS A 84 2.24 7.94 7.98
C LYS A 84 1.55 7.43 6.72
N PHE A 85 0.22 7.41 6.71
CA PHE A 85 -0.49 7.09 5.48
C PHE A 85 -0.37 8.23 4.48
N GLY A 86 -0.64 9.46 4.92
CA GLY A 86 -0.50 10.60 4.03
C GLY A 86 0.89 10.69 3.42
N ALA A 87 1.92 10.51 4.24
CA ALA A 87 3.29 10.60 3.74
C ALA A 87 3.66 9.37 2.92
N GLY A 88 3.19 8.19 3.33
CA GLY A 88 3.53 6.97 2.60
C GLY A 88 2.91 6.94 1.22
N GLU A 89 1.60 7.20 1.13
CA GLU A 89 0.92 7.25 -0.17
C GLU A 89 1.52 8.31 -1.07
N GLU A 90 1.98 9.43 -0.50
CA GLU A 90 2.62 10.45 -1.32
C GLU A 90 3.98 9.97 -1.80
N ALA A 91 4.73 9.27 -0.93
CA ALA A 91 6.02 8.72 -1.34
C ALA A 91 5.86 7.72 -2.48
N VAL A 92 4.82 6.89 -2.43
CA VAL A 92 4.59 5.93 -3.51
C VAL A 92 4.20 6.66 -4.79
N ALA A 93 3.31 7.65 -4.69
CA ALA A 93 2.86 8.35 -5.88
C ALA A 93 4.02 9.06 -6.58
N LEU A 94 4.99 9.57 -5.82
CA LEU A 94 6.11 10.31 -6.40
C LEU A 94 7.26 9.39 -6.81
N ASP A 95 7.65 8.44 -5.96
CA ASP A 95 8.79 7.60 -6.27
C ASP A 95 8.50 6.57 -7.35
N LEU A 96 7.25 6.42 -7.79
CA LEU A 96 6.96 5.42 -8.80
C LEU A 96 7.25 5.90 -10.22
N HIS A 97 7.73 7.14 -10.38
CA HIS A 97 8.05 7.65 -11.71
C HIS A 97 9.07 6.82 -12.48
N PRO A 98 10.15 6.29 -11.88
CA PRO A 98 11.11 5.52 -12.71
C PRO A 98 10.54 4.25 -13.28
N LEU A 99 9.66 3.56 -12.55
CA LEU A 99 9.08 2.32 -13.07
C LEU A 99 8.24 2.59 -14.30
N ILE A 100 7.44 3.66 -14.28
CA ILE A 100 6.59 3.97 -15.43
C ILE A 100 7.45 4.36 -16.63
N VAL A 101 8.51 5.14 -16.40
CA VAL A 101 9.42 5.50 -17.49
C VAL A 101 10.11 4.24 -18.03
N THR A 102 10.48 3.33 -17.14
CA THR A 102 11.10 2.07 -17.59
C THR A 102 10.16 1.31 -18.51
N LEU A 103 8.89 1.17 -18.11
CA LEU A 103 7.97 0.33 -18.87
C LEU A 103 7.62 0.97 -20.22
N VAL A 104 7.57 2.30 -20.30
CA VAL A 104 7.24 2.94 -21.57
C VAL A 104 8.41 2.82 -22.55
N LYS A 105 9.66 2.83 -22.05
CA LYS A 105 10.79 2.59 -22.94
C LYS A 105 10.78 1.17 -23.49
N GLU A 106 10.24 0.22 -22.73
CA GLU A 106 10.08 -1.15 -23.21
C GLU A 106 8.83 -1.34 -24.05
N GLY A 107 8.05 -0.29 -24.27
CA GLY A 107 6.86 -0.39 -25.10
C GLY A 107 5.75 -1.23 -24.53
N ARG A 108 5.64 -1.30 -23.20
CA ARG A 108 4.58 -2.07 -22.54
C ARG A 108 3.44 -1.11 -22.21
N VAL A 109 2.62 -0.85 -23.24
CA VAL A 109 1.59 0.18 -23.13
C VAL A 109 0.51 -0.21 -22.14
N GLU A 110 0.14 -1.50 -22.11
CA GLU A 110 -0.90 -1.94 -21.18
C GLU A 110 -0.47 -1.72 -19.73
N GLU A 111 0.76 -2.10 -19.38
CA GLU A 111 1.21 -1.93 -18.01
C GLU A 111 1.46 -0.46 -17.68
N VAL A 112 1.79 0.36 -18.67
CA VAL A 112 1.95 1.80 -18.42
C VAL A 112 0.60 2.45 -18.17
N MET A 113 -0.43 2.02 -18.91
CA MET A 113 -1.75 2.60 -18.72
C MET A 113 -2.28 2.30 -17.32
N TYR A 114 -1.99 1.13 -16.78
CA TYR A 114 -2.49 0.81 -15.44
C TYR A 114 -1.71 1.56 -14.36
N LEU A 115 -0.39 1.67 -14.51
CA LEU A 115 0.39 2.46 -13.55
C LEU A 115 -0.06 3.91 -13.52
N GLU A 116 -0.54 4.44 -14.64
CA GLU A 116 -1.11 5.79 -14.65
C GLU A 116 -2.37 5.85 -13.80
N GLN A 117 -3.18 4.81 -13.84
CA GLN A 117 -4.32 4.72 -12.93
C GLN A 117 -3.84 4.50 -11.50
N PHE A 118 -2.81 3.67 -11.33
CA PHE A 118 -2.24 3.42 -10.02
C PHE A 118 -1.80 4.72 -9.35
N ILE A 119 -1.04 5.55 -10.08
CA ILE A 119 -0.48 6.75 -9.50
C ILE A 119 -1.58 7.72 -9.08
N PHE A 120 -2.60 7.90 -9.92
CA PHE A 120 -3.68 8.82 -9.58
C PHE A 120 -4.45 8.34 -8.36
N GLU A 121 -4.71 7.03 -8.28
CA GLU A 121 -5.40 6.50 -7.12
C GLU A 121 -4.59 6.73 -5.85
N GLU A 122 -3.27 6.57 -5.92
CA GLU A 122 -2.42 6.87 -4.77
C GLU A 122 -2.55 8.33 -4.35
N ALA A 123 -2.48 9.25 -5.31
CA ALA A 123 -2.66 10.66 -4.95
C ALA A 123 -4.07 10.91 -4.45
N LYS A 124 -5.04 10.15 -4.96
CA LYS A 124 -6.40 10.22 -4.43
C LYS A 124 -6.46 9.76 -2.99
N HIS A 125 -5.67 8.74 -2.63
CA HIS A 125 -5.59 8.33 -1.23
C HIS A 125 -4.93 9.42 -0.38
N VAL A 126 -3.91 10.11 -0.93
CA VAL A 126 -3.30 11.22 -0.20
C VAL A 126 -4.33 12.31 0.09
N GLU A 127 -5.17 12.62 -0.89
CA GLU A 127 -6.22 13.61 -0.69
C GLU A 127 -7.18 13.16 0.41
N ALA A 128 -7.60 11.89 0.37
CA ALA A 128 -8.53 11.38 1.37
C ALA A 128 -8.03 11.59 2.79
N PHE A 129 -6.78 11.20 3.06
CA PHE A 129 -6.25 11.38 4.41
C PHE A 129 -6.03 12.86 4.72
N ARG A 130 -5.63 13.65 3.73
CA ARG A 130 -5.46 15.08 3.94
C ARG A 130 -6.80 15.77 4.22
N ARG A 131 -7.89 15.30 3.60
CA ARG A 131 -9.18 15.89 3.91
C ARG A 131 -9.65 15.53 5.30
N PHE A 132 -9.31 14.33 5.78
CA PHE A 132 -9.65 13.95 7.15
C PHE A 132 -8.84 14.74 8.16
N LEU A 133 -7.54 14.89 7.92
CA LEU A 133 -6.73 15.72 8.82
C LEU A 133 -7.18 17.16 8.79
N ASP A 134 -7.62 17.66 7.64
CA ASP A 134 -8.15 19.00 7.54
C ASP A 134 -9.49 19.14 8.27
N ALA A 135 -10.32 18.09 8.22
CA ALA A 135 -11.63 18.17 8.85
C ALA A 135 -11.51 18.17 10.37
N VAL A 136 -10.55 17.43 10.93
CA VAL A 136 -10.39 17.38 12.38
C VAL A 136 -9.54 18.52 12.91
N GLY A 137 -9.03 19.38 12.05
CA GLY A 137 -8.25 20.53 12.50
C GLY A 137 -6.84 20.22 12.92
N VAL A 138 -6.12 19.41 12.14
CA VAL A 138 -4.74 19.04 12.44
C VAL A 138 -3.84 19.66 11.38
N LYS A 139 -2.85 20.43 11.83
CA LYS A 139 -1.95 21.09 10.89
C LYS A 139 -0.50 20.73 11.18
N LEU A 145 6.81 10.31 11.42
CA LEU A 145 7.71 10.79 10.37
C LEU A 145 8.98 11.32 11.02
N THR A 146 9.11 11.06 12.32
CA THR A 146 10.21 11.61 13.12
C THR A 146 11.54 10.92 12.80
N LYS A 147 11.48 9.67 12.33
CA LYS A 147 12.64 8.80 12.14
C LYS A 147 13.19 8.33 13.48
N ASP A 148 13.41 9.28 14.39
CA ASP A 148 14.00 8.96 15.70
C ASP A 148 13.05 8.11 16.54
N VAL A 149 11.74 8.36 16.42
CA VAL A 149 10.76 7.51 17.10
C VAL A 149 10.10 6.51 16.15
N SER A 150 10.32 6.62 14.84
CA SER A 150 9.75 5.71 13.85
C SER A 150 10.83 5.25 12.87
N PRO A 151 11.86 4.54 13.35
CA PRO A 151 12.93 4.14 12.42
C PRO A 151 12.51 3.12 11.38
N ASN A 152 11.63 2.18 11.74
CA ASN A 152 11.19 1.20 10.76
C ASN A 152 10.42 1.85 9.63
N TYR A 153 9.52 2.79 9.96
CA TYR A 153 8.78 3.50 8.91
C TYR A 153 9.73 4.28 8.01
N ALA A 154 10.74 4.94 8.59
CA ALA A 154 11.67 5.72 7.80
C ALA A 154 12.57 4.83 6.95
N LYS A 155 12.94 3.66 7.46
CA LYS A 155 13.74 2.73 6.67
C LYS A 155 13.00 2.32 5.39
N ILE A 156 11.70 2.08 5.50
CA ILE A 156 10.92 1.64 4.33
C ILE A 156 10.68 2.81 3.36
N PHE A 157 10.03 3.86 3.85
CA PHE A 157 9.52 4.90 2.96
C PHE A 157 10.54 5.97 2.61
N TYR A 158 11.53 6.20 3.47
CA TYR A 158 12.51 7.25 3.24
C TYR A 158 13.88 6.73 2.82
N GLU A 159 14.09 5.41 2.81
CA GLU A 159 15.37 4.89 2.38
C GLU A 159 15.21 3.78 1.35
N GLU A 160 14.46 2.73 1.71
CA GLU A 160 14.39 1.56 0.83
C GLU A 160 13.44 1.77 -0.34
N LEU A 161 12.35 2.51 -0.14
CA LEU A 161 11.45 2.77 -1.27
C LEU A 161 12.10 3.68 -2.31
N PRO A 162 12.70 4.83 -1.95
CA PRO A 162 13.35 5.63 -3.00
C PRO A 162 14.59 4.97 -3.58
N LYS A 163 15.29 4.13 -2.81
CA LYS A 163 16.47 3.46 -3.34
C LYS A 163 16.10 2.44 -4.41
N ALA A 164 15.14 1.56 -4.13
CA ALA A 164 14.76 0.55 -5.12
C ALA A 164 14.17 1.18 -6.37
N MET A 165 13.50 2.31 -6.25
CA MET A 165 12.85 2.91 -7.40
C MET A 165 13.84 3.69 -8.25
N TRP A 166 14.62 4.57 -7.65
CA TRP A 166 15.58 5.35 -8.41
C TRP A 166 16.81 4.54 -8.81
N ASN A 167 16.91 3.27 -8.40
CA ASN A 167 17.90 2.39 -9.01
C ASN A 167 17.53 2.02 -10.44
N LEU A 168 16.26 2.17 -10.82
CA LEU A 168 15.90 1.90 -12.21
C LEU A 168 16.51 2.92 -13.15
N ASN A 169 16.59 4.18 -12.72
CA ASN A 169 17.28 5.17 -13.54
C ASN A 169 18.73 4.79 -13.78
N ARG A 170 19.35 4.12 -12.81
CA ARG A 170 20.73 3.67 -12.98
C ARG A 170 20.82 2.46 -13.88
N ASP A 171 19.95 1.46 -13.65
CA ASP A 171 20.00 0.19 -14.37
C ASP A 171 18.62 -0.43 -14.29
N PRO A 172 17.81 -0.29 -15.33
CA PRO A 172 16.46 -0.86 -15.36
C PRO A 172 16.43 -2.35 -15.68
N SER A 173 17.31 -3.11 -15.04
CA SER A 173 17.38 -4.55 -15.25
C SER A 173 16.13 -5.23 -14.70
N PRO A 174 15.83 -6.45 -15.17
CA PRO A 174 14.70 -7.19 -14.61
C PRO A 174 14.82 -7.42 -13.11
N GLU A 175 16.04 -7.56 -12.58
CA GLU A 175 16.20 -7.76 -11.15
C GLU A 175 15.84 -6.50 -10.36
N ASN A 176 16.23 -5.33 -10.87
CA ASN A 176 15.85 -4.09 -10.20
C ASN A 176 14.35 -3.83 -10.34
N GLN A 177 13.74 -4.30 -11.42
CA GLN A 177 12.31 -4.08 -11.59
C GLN A 177 11.51 -4.94 -10.62
N VAL A 178 11.96 -6.17 -10.37
CA VAL A 178 11.28 -7.02 -9.40
C VAL A 178 11.53 -6.54 -7.98
N ARG A 179 12.70 -5.95 -7.69
CA ARG A 179 12.91 -5.39 -6.36
C ARG A 179 12.03 -4.18 -6.14
N ALA A 180 11.87 -3.35 -7.18
CA ALA A 180 10.94 -2.23 -7.11
C ALA A 180 9.52 -2.72 -6.86
N ALA A 181 9.08 -3.74 -7.59
CA ALA A 181 7.71 -4.25 -7.43
C ALA A 181 7.51 -4.80 -6.02
N VAL A 182 8.49 -5.57 -5.52
CA VAL A 182 8.38 -6.13 -4.18
C VAL A 182 8.26 -5.01 -3.13
N THR A 183 8.98 -3.91 -3.34
CA THR A 183 9.02 -2.85 -2.33
C THR A 183 7.71 -2.08 -2.26
N TYR A 184 7.33 -1.42 -3.36
CA TYR A 184 6.19 -0.52 -3.27
C TYR A 184 4.87 -1.28 -3.19
N ASN A 185 4.82 -2.48 -3.77
CA ASN A 185 3.55 -3.20 -3.93
C ASN A 185 3.33 -4.24 -2.84
N LEU A 186 4.19 -5.26 -2.77
CA LEU A 186 3.98 -6.34 -1.82
C LEU A 186 4.32 -5.95 -0.39
N VAL A 187 5.23 -4.99 -0.19
CA VAL A 187 5.67 -4.62 1.14
C VAL A 187 4.94 -3.35 1.59
N VAL A 188 5.09 -2.27 0.82
CA VAL A 188 4.48 -0.99 1.19
C VAL A 188 2.97 -1.10 1.25
N GLU A 189 2.37 -1.76 0.27
CA GLU A 189 0.92 -1.92 0.24
C GLU A 189 0.45 -3.23 0.85
N GLY A 190 1.13 -4.33 0.53
CA GLY A 190 0.69 -5.63 0.98
C GLY A 190 0.84 -5.86 2.47
N VAL A 191 1.75 -5.14 3.12
CA VAL A 191 2.01 -5.32 4.54
C VAL A 191 1.71 -4.03 5.31
N ALA A 192 2.36 -2.94 4.91
CA ALA A 192 2.24 -1.69 5.67
C ALA A 192 0.86 -1.09 5.53
N ALA A 193 0.39 -0.89 4.29
CA ALA A 193 -0.93 -0.31 4.10
C ALA A 193 -2.02 -1.25 4.61
N GLU A 194 -1.96 -2.54 4.28
CA GLU A 194 -2.99 -3.48 4.71
C GLU A 194 -3.05 -3.58 6.23
N GLY A 195 -1.88 -3.59 6.89
CA GLY A 195 -1.87 -3.58 8.34
C GLY A 195 -2.40 -2.28 8.92
N GLY A 196 -2.14 -1.17 8.24
CA GLY A 196 -2.75 0.08 8.66
C GLY A 196 -4.26 0.05 8.56
N TYR A 197 -4.79 -0.56 7.49
CA TYR A 197 -6.25 -0.66 7.34
C TYR A 197 -6.86 -1.40 8.53
N ASN A 198 -6.19 -2.48 8.97
CA ASN A 198 -6.64 -3.24 10.12
C ASN A 198 -6.72 -2.37 11.37
N ILE A 199 -5.80 -1.41 11.51
CA ILE A 199 -5.83 -0.51 12.66
C ILE A 199 -7.04 0.41 12.60
N PHE A 200 -7.30 0.99 11.41
CA PHE A 200 -8.46 1.88 11.26
C PHE A 200 -9.78 1.14 11.45
N LYS A 201 -9.89 -0.07 10.90
CA LYS A 201 -11.15 -0.79 11.01
C LYS A 201 -11.46 -1.14 12.46
N TYR A 202 -10.43 -1.49 13.25
CA TYR A 202 -10.65 -1.83 14.65
C TYR A 202 -11.15 -0.63 15.44
N ILE A 203 -10.57 0.55 15.21
CA ILE A 203 -10.95 1.74 15.96
C ILE A 203 -12.35 2.18 15.59
N THR A 204 -12.69 2.16 14.30
CA THR A 204 -14.01 2.64 13.90
C THR A 204 -15.12 1.72 14.40
N ARG A 205 -14.90 0.41 14.46
CA ARG A 205 -15.96 -0.48 14.94
C ARG A 205 -16.01 -0.58 16.46
N THR A 206 -14.89 -0.37 17.15
CA THR A 206 -14.88 -0.51 18.60
C THR A 206 -15.55 0.68 19.29
N PHE A 207 -15.39 1.88 18.73
CA PHE A 207 -15.94 3.08 19.33
C PHE A 207 -17.08 3.69 18.54
N ASN A 208 -17.40 3.14 17.37
CA ASN A 208 -18.45 3.69 16.51
C ASN A 208 -18.17 5.16 16.18
N ILE A 209 -16.98 5.42 15.64
CA ILE A 209 -16.53 6.77 15.37
C ILE A 209 -15.98 6.85 13.94
N PHE A 210 -15.86 8.09 13.47
CA PHE A 210 -15.27 8.38 12.17
C PHE A 210 -15.95 7.64 11.00
N PRO A 211 -17.25 7.83 10.81
CA PRO A 211 -17.91 7.13 9.68
C PRO A 211 -17.38 7.53 8.32
N GLY A 212 -16.95 8.79 8.15
CA GLY A 212 -16.38 9.19 6.88
C GLY A 212 -15.04 8.53 6.61
N LEU A 213 -14.19 8.44 7.64
CA LEU A 213 -12.91 7.75 7.48
C LEU A 213 -13.11 6.27 7.22
N ALA A 214 -14.07 5.64 7.91
CA ALA A 214 -14.35 4.22 7.69
C ALA A 214 -14.79 3.98 6.25
N LYS A 215 -15.59 4.89 5.70
CA LYS A 215 -15.96 4.78 4.28
C LYS A 215 -14.75 4.95 3.38
N MET A 216 -13.86 5.91 3.71
CA MET A 216 -12.65 6.11 2.92
C MET A 216 -11.76 4.86 2.91
N VAL A 217 -11.53 4.26 4.08
CA VAL A 217 -10.64 3.10 4.18
C VAL A 217 -11.18 1.94 3.35
N ASN A 218 -12.50 1.77 3.31
CA ASN A 218 -13.09 0.72 2.49
C ASN A 218 -12.79 0.95 1.02
N TYR A 219 -12.99 2.18 0.54
CA TYR A 219 -12.70 2.49 -0.85
C TYR A 219 -11.21 2.38 -1.16
N ILE A 220 -10.37 2.83 -0.23
CA ILE A 220 -8.92 2.76 -0.46
C ILE A 220 -8.47 1.31 -0.53
N ALA A 221 -8.96 0.48 0.39
CA ALA A 221 -8.67 -0.95 0.37
C ALA A 221 -9.22 -1.64 -0.88
N THR A 222 -10.22 -1.06 -1.53
CA THR A 222 -10.67 -1.63 -2.80
C THR A 222 -9.66 -1.36 -3.91
N ASP A 223 -9.26 -0.10 -4.06
CA ASP A 223 -8.20 0.22 -5.01
C ASP A 223 -6.95 -0.61 -4.74
N GLU A 224 -6.52 -0.68 -3.48
CA GLU A 224 -5.31 -1.40 -3.11
C GLU A 224 -5.40 -2.88 -3.48
N SER A 225 -6.62 -3.43 -3.53
CA SER A 225 -6.79 -4.81 -3.97
C SER A 225 -6.27 -5.00 -5.40
N ARG A 226 -6.58 -4.05 -6.29
CA ARG A 226 -6.06 -4.12 -7.65
C ARG A 226 -4.57 -3.83 -7.70
N HIS A 227 -4.08 -2.99 -6.80
CA HIS A 227 -2.64 -2.71 -6.75
C HIS A 227 -1.83 -3.97 -6.47
N ILE A 228 -2.30 -4.79 -5.52
CA ILE A 228 -1.58 -6.02 -5.18
C ILE A 228 -1.64 -7.02 -6.32
N ALA A 229 -2.79 -7.12 -6.98
CA ALA A 229 -2.92 -8.04 -8.11
C ALA A 229 -1.95 -7.67 -9.24
N PHE A 230 -1.85 -6.39 -9.57
CA PHE A 230 -0.91 -5.99 -10.62
C PHE A 230 0.52 -6.27 -10.21
N GLY A 231 0.87 -6.01 -8.95
CA GLY A 231 2.20 -6.33 -8.48
C GLY A 231 2.50 -7.81 -8.54
N THR A 232 1.50 -8.64 -8.21
CA THR A 232 1.66 -10.09 -8.33
C THR A 232 1.89 -10.49 -9.78
N TYR A 233 1.07 -9.94 -10.69
CA TYR A 233 1.24 -10.21 -12.12
C TYR A 233 2.59 -9.71 -12.61
N LEU A 234 2.98 -8.50 -12.22
CA LEU A 234 4.26 -7.95 -12.68
C LEU A 234 5.43 -8.80 -12.22
N ILE A 235 5.44 -9.19 -10.94
CA ILE A 235 6.49 -10.06 -10.44
C ILE A 235 6.45 -11.41 -11.14
N ALA A 236 5.24 -11.87 -11.49
CA ALA A 236 5.11 -13.13 -12.24
C ALA A 236 5.71 -13.02 -13.64
N ARG A 237 5.46 -11.91 -14.33
CA ARG A 237 6.00 -11.77 -15.68
C ARG A 237 7.52 -11.64 -15.67
N LEU A 238 8.06 -10.84 -14.73
CA LEU A 238 9.51 -10.68 -14.63
C LEU A 238 10.19 -12.01 -14.31
N ILE A 239 9.59 -12.81 -13.43
CA ILE A 239 10.20 -14.09 -13.06
C ILE A 239 10.13 -15.08 -14.23
N LYS A 240 8.96 -15.16 -14.87
CA LYS A 240 8.78 -16.10 -15.97
C LYS A 240 9.59 -15.71 -17.20
N GLU A 241 9.99 -14.44 -17.31
CA GLU A 241 10.83 -14.00 -18.41
C GLU A 241 12.31 -13.89 -18.05
N GLY A 242 12.63 -13.76 -16.77
CA GLY A 242 14.01 -13.57 -16.36
C GLY A 242 14.64 -14.80 -15.73
N GLY A 243 13.84 -15.76 -15.32
CA GLY A 243 14.35 -17.00 -14.79
C GLY A 243 14.68 -16.92 -13.31
N GLU A 244 15.58 -17.82 -12.90
CA GLU A 244 15.90 -17.97 -11.48
C GLU A 244 16.54 -16.72 -10.91
N SER A 245 17.28 -15.97 -11.74
CA SER A 245 17.95 -14.77 -11.25
C SER A 245 16.95 -13.75 -10.72
N VAL A 246 15.78 -13.63 -11.38
CA VAL A 246 14.77 -12.67 -10.95
C VAL A 246 14.03 -13.17 -9.72
N TYR A 247 13.77 -14.48 -9.66
CA TYR A 247 13.10 -15.08 -8.51
C TYR A 247 13.91 -14.91 -7.24
N LYS A 248 15.24 -15.09 -7.32
CA LYS A 248 16.08 -14.92 -6.14
C LYS A 248 16.06 -13.48 -5.67
N ALA A 249 16.13 -12.52 -6.60
CA ALA A 249 16.11 -11.11 -6.22
C ALA A 249 14.82 -10.73 -5.49
N ALA A 250 13.69 -11.35 -5.88
CA ALA A 250 12.43 -11.04 -5.21
C ALA A 250 12.39 -11.63 -3.81
N MET A 251 12.88 -12.87 -3.66
CA MET A 251 12.87 -13.51 -2.35
C MET A 251 13.91 -12.91 -1.41
N GLU A 252 15.06 -12.49 -1.95
CA GLU A 252 16.05 -11.86 -1.07
C GLU A 252 15.57 -10.49 -0.61
N HIS A 253 14.89 -9.76 -1.49
CA HIS A 253 14.50 -8.39 -1.15
C HIS A 253 13.36 -8.38 -0.13
N ILE A 254 12.36 -9.25 -0.29
CA ILE A 254 11.25 -9.25 0.65
C ILE A 254 11.67 -9.80 2.00
N ASN A 255 12.62 -10.74 2.03
CA ASN A 255 13.15 -11.20 3.32
C ASN A 255 13.92 -10.09 4.01
N TYR A 256 14.73 -9.34 3.24
CA TYR A 256 15.48 -8.23 3.81
C TYR A 256 14.57 -7.14 4.35
N LEU A 257 13.47 -6.85 3.67
CA LEU A 257 12.57 -5.78 4.11
C LEU A 257 11.61 -6.22 5.21
N GLY A 258 11.42 -7.53 5.38
CA GLY A 258 10.42 -8.07 6.27
C GLY A 258 10.45 -7.52 7.70
N PRO A 259 11.62 -7.55 8.36
CA PRO A 259 11.66 -7.05 9.74
C PRO A 259 11.33 -5.58 9.86
N TYR A 260 11.68 -4.76 8.88
CA TYR A 260 11.33 -3.34 8.95
C TYR A 260 9.85 -3.12 8.72
N ALA A 261 9.25 -3.88 7.78
CA ALA A 261 7.82 -3.74 7.53
C ALA A 261 7.00 -4.13 8.75
N VAL A 262 7.41 -5.19 9.45
CA VAL A 262 6.68 -5.59 10.63
C VAL A 262 6.94 -4.62 11.77
N GLY A 263 8.18 -4.15 11.90
CA GLY A 263 8.52 -3.21 12.95
C GLY A 263 7.79 -1.89 12.87
N ILE A 264 7.21 -1.58 11.71
CA ILE A 264 6.42 -0.36 11.56
C ILE A 264 5.27 -0.34 12.57
N PHE A 265 4.71 -1.51 12.87
CA PHE A 265 3.58 -1.61 13.77
C PHE A 265 4.00 -1.77 15.22
N SER A 266 5.28 -1.56 15.53
CA SER A 266 5.76 -1.51 16.91
C SER A 266 6.20 -0.10 17.30
N GLU A 267 5.68 0.92 16.63
CA GLU A 267 6.15 2.29 16.78
C GLU A 267 4.98 3.20 17.18
N PRO A 268 4.51 3.10 18.43
CA PRO A 268 3.52 4.08 18.91
C PRO A 268 4.16 5.45 19.12
N ASN A 269 3.43 6.33 19.80
CA ASN A 269 3.87 7.70 20.01
C ASN A 269 4.78 7.78 21.23
N VAL A 270 5.98 8.35 21.04
CA VAL A 270 6.88 8.87 22.07
C VAL A 270 7.02 7.86 23.22
N PRO A 271 7.42 8.27 24.42
CA PRO A 271 7.15 7.43 25.59
C PRO A 271 5.69 6.99 25.63
N GLN A 272 5.48 5.70 25.88
CA GLN A 272 4.15 5.11 25.79
C GLN A 272 3.18 5.74 26.80
N GLY A 273 3.46 5.56 28.08
CA GLY A 273 2.58 6.00 29.14
C GLY A 273 1.92 4.81 29.82
N VAL A 274 0.90 5.14 30.62
CA VAL A 274 0.17 4.11 31.36
C VAL A 274 -0.93 3.45 30.51
N GLU A 275 -1.58 4.21 29.64
CA GLU A 275 -2.71 3.72 28.86
C GLU A 275 -2.29 3.35 27.45
N ILE A 276 -2.94 2.34 26.88
CA ILE A 276 -2.78 2.03 25.46
C ILE A 276 -3.85 2.82 24.71
N PRO A 277 -3.51 3.54 23.64
CA PRO A 277 -4.50 4.39 22.98
C PRO A 277 -5.55 3.56 22.23
N LEU A 278 -6.81 3.92 22.44
CA LEU A 278 -7.94 3.38 21.69
C LEU A 278 -8.07 1.86 21.83
N LYS A 279 -7.61 1.32 22.98
CA LYS A 279 -7.79 -0.08 23.33
C LYS A 279 -7.18 -1.04 22.30
N LEU A 280 -6.17 -0.57 21.58
CA LEU A 280 -5.51 -1.42 20.60
C LEU A 280 -4.72 -2.53 21.29
N ASN A 281 -4.67 -3.68 20.63
CA ASN A 281 -3.86 -4.78 21.12
C ASN A 281 -2.56 -4.77 20.34
N PRO A 282 -1.43 -4.41 20.96
CA PRO A 282 -0.17 -4.31 20.20
C PRO A 282 0.32 -5.62 19.64
N GLU A 283 0.09 -6.73 20.35
CA GLU A 283 0.56 -8.02 19.84
C GLU A 283 -0.23 -8.44 18.60
N VAL A 284 -1.54 -8.22 18.59
CA VAL A 284 -2.34 -8.65 17.45
C VAL A 284 -2.07 -7.77 16.23
N THR A 285 -1.84 -6.48 16.46
CA THR A 285 -1.47 -5.57 15.37
C THR A 285 -0.18 -6.02 14.70
N VAL A 286 0.82 -6.38 15.50
CA VAL A 286 2.10 -6.84 14.95
C VAL A 286 1.93 -8.22 14.33
N GLU A 287 1.17 -9.11 14.98
CA GLU A 287 0.99 -10.47 14.47
C GLU A 287 0.32 -10.46 13.10
N TYR A 288 -0.65 -9.56 12.90
CA TYR A 288 -1.32 -9.47 11.61
C TYR A 288 -0.34 -9.12 10.50
N ALA A 289 0.58 -8.18 10.77
CA ALA A 289 1.55 -7.79 9.76
C ALA A 289 2.48 -8.95 9.41
N LYS A 290 2.96 -9.68 10.42
CA LYS A 290 3.80 -10.85 10.17
C LYS A 290 3.10 -11.84 9.24
N LYS A 291 1.81 -12.08 9.46
CA LYS A 291 1.07 -13.00 8.61
C LYS A 291 0.88 -12.44 7.22
N LEU A 292 0.64 -11.13 7.12
CA LEU A 292 0.62 -10.47 5.82
C LEU A 292 1.95 -10.66 5.10
N LEU A 293 3.06 -10.53 5.82
CA LEU A 293 4.37 -10.68 5.20
C LEU A 293 4.54 -12.07 4.61
N ASN A 294 4.08 -13.10 5.32
CA ASN A 294 4.21 -14.46 4.82
C ASN A 294 3.31 -14.70 3.61
N VAL A 295 2.12 -14.11 3.60
CA VAL A 295 1.25 -14.21 2.44
C VAL A 295 1.93 -13.62 1.22
N ARG A 296 2.60 -12.47 1.39
CA ARG A 296 3.31 -11.87 0.26
C ARG A 296 4.51 -12.71 -0.17
N ILE A 297 5.21 -13.33 0.79
CA ILE A 297 6.31 -14.23 0.45
C ILE A 297 5.80 -15.42 -0.36
N GLN A 298 4.68 -16.02 0.07
CA GLN A 298 4.16 -17.17 -0.66
C GLN A 298 3.63 -16.76 -2.03
N ALA A 299 3.18 -15.50 -2.18
CA ALA A 299 2.75 -15.03 -3.49
C ALA A 299 3.92 -14.96 -4.48
N ILE A 300 5.13 -14.73 -3.99
CA ILE A 300 6.29 -14.75 -4.88
C ILE A 300 6.62 -16.19 -5.28
N GLN A 301 6.48 -17.13 -4.34
CA GLN A 301 6.77 -18.53 -4.65
C GLN A 301 5.76 -19.09 -5.65
N ARG A 302 4.49 -18.69 -5.53
CA ARG A 302 3.47 -19.12 -6.48
C ARG A 302 3.58 -18.42 -7.82
N ALA A 303 4.28 -17.28 -7.88
CA ALA A 303 4.38 -16.54 -9.14
C ALA A 303 5.23 -17.27 -10.17
N LYS A 304 6.07 -18.21 -9.75
CA LYS A 304 6.88 -18.95 -10.71
C LYS A 304 6.01 -19.71 -11.70
N GLU A 305 5.04 -20.47 -11.19
CA GLU A 305 4.12 -21.24 -12.03
C GLU A 305 2.75 -20.58 -11.93
N LEU A 306 2.53 -19.57 -12.75
CA LEU A 306 1.28 -18.83 -12.78
C LEU A 306 0.89 -18.59 -14.23
N LYS A 307 -0.32 -19.02 -14.60
CA LYS A 307 -0.83 -18.86 -15.96
C LYS A 307 -1.30 -17.43 -16.14
N LEU A 308 -0.51 -16.61 -16.85
CA LEU A 308 -0.81 -15.20 -16.98
C LEU A 308 -1.89 -14.92 -18.04
N GLU A 309 -2.06 -15.82 -19.01
CA GLU A 309 -3.01 -15.56 -20.09
C GLU A 309 -4.45 -15.77 -19.64
N MET A 310 -4.71 -16.82 -18.87
CA MET A 310 -6.04 -17.08 -18.33
C MET A 310 -6.33 -16.29 -17.05
N LEU A 311 -5.49 -15.33 -16.71
CA LEU A 311 -5.61 -14.64 -15.43
C LEU A 311 -6.82 -13.71 -15.41
N THR A 312 -7.58 -13.78 -14.34
CA THR A 312 -8.70 -12.89 -14.07
C THR A 312 -8.53 -12.30 -12.68
N PRO A 313 -9.17 -11.16 -12.40
CA PRO A 313 -9.06 -10.60 -11.04
C PRO A 313 -9.53 -11.54 -9.95
N LYS A 314 -10.57 -12.33 -10.20
CA LYS A 314 -11.04 -13.27 -9.18
C LYS A 314 -9.96 -14.31 -8.85
N ASP A 315 -9.10 -14.64 -9.81
CA ASP A 315 -8.02 -15.58 -9.55
C ASP A 315 -7.00 -15.03 -8.56
N LEU A 316 -6.91 -13.72 -8.42
CA LEU A 316 -6.01 -13.08 -7.46
C LEU A 316 -6.76 -12.47 -6.29
N ASP A 317 -8.00 -12.92 -6.05
CA ASP A 317 -8.80 -12.47 -4.91
C ASP A 317 -8.93 -10.96 -4.88
N VAL A 318 -9.40 -10.40 -5.99
CA VAL A 318 -9.56 -8.95 -6.15
C VAL A 318 -11.01 -8.58 -5.85
N ILE A 319 -11.19 -7.54 -5.04
CA ILE A 319 -12.54 -7.02 -4.79
C ILE A 319 -13.11 -6.47 -6.09
N GLU A 320 -14.30 -6.92 -6.46
CA GLU A 320 -14.91 -6.55 -7.73
C GLU A 320 -16.25 -5.86 -7.53
N SER A 321 -16.46 -5.24 -6.38
CA SER A 321 -17.68 -4.51 -6.11
C SER A 321 -17.43 -3.52 -4.99
N LEU A 322 -18.06 -2.36 -5.07
CA LEU A 322 -17.98 -1.38 -4.00
C LEU A 322 -19.14 -1.57 -3.02
#